data_4PII
#
_entry.id   4PII
#
_cell.length_a   98.430
_cell.length_b   98.430
_cell.length_c   65.230
_cell.angle_alpha   90.00
_cell.angle_beta   90.00
_cell.angle_gamma   120.00
#
_symmetry.space_group_name_H-M   'H 3'
#
loop_
_entity.id
_entity.type
_entity.pdbx_description
1 polymer 'N-glycosylase/DNA lyase'
2 non-polymer 'CHLORIDE ION'
3 non-polymer IMIDAZOLE
4 water water
#
_entity_poly.entity_id   1
_entity_poly.type   'polypeptide(L)'
_entity_poly.pdbx_seq_one_letter_code
;AHHHHHHGSRELVEIIKGIGIEGAKEVEEKVDRQFYALQYLFRHQDPEMFIKLVIANSLVSYQLTGRGEDWWWEFARYFS
GREVDSIWKAYGEFLPKSKNNRRLIEAKLNRIRKVEGFLSTLTLKDLEGYYKNMKMLWKALIKIMGSREDSKTIVFTVKM
FGYASRIAFSRFIPYPMEIPIPEDLRIKSVTSKLTQEKPTKFWMKIGQESGVPPLHIDSLIWPLLGNADLTPLDIELRNK
LMKLTELLGL
;
_entity_poly.pdbx_strand_id   A
#
loop_
_chem_comp.id
_chem_comp.type
_chem_comp.name
_chem_comp.formula
CL non-polymer 'CHLORIDE ION' 'Cl -1'
IMD non-polymer IMIDAZOLE 'C3 H5 N2 1'
#
# COMPACT_ATOMS: atom_id res chain seq x y z
N GLU A 11 18.62 -13.07 -13.07
CA GLU A 11 19.23 -11.76 -13.29
C GLU A 11 18.43 -10.65 -12.60
N LEU A 12 17.21 -10.44 -13.06
CA LEU A 12 16.22 -9.68 -12.31
C LEU A 12 16.17 -10.22 -10.88
N VAL A 13 16.17 -11.54 -10.76
CA VAL A 13 16.13 -12.19 -9.46
C VAL A 13 17.34 -11.82 -8.61
N GLU A 14 18.49 -11.62 -9.26
CA GLU A 14 19.73 -11.34 -8.55
C GLU A 14 19.77 -9.91 -8.02
N ILE A 15 19.38 -8.97 -8.87
CA ILE A 15 19.29 -7.57 -8.46
C ILE A 15 18.32 -7.39 -7.29
N ILE A 16 17.23 -8.14 -7.29
CA ILE A 16 16.19 -7.94 -6.27
C ILE A 16 16.60 -8.62 -4.98
N LYS A 17 17.25 -9.78 -5.10
CA LYS A 17 17.82 -10.44 -3.92
C LYS A 17 18.89 -9.55 -3.28
N GLY A 18 19.64 -8.83 -4.11
CA GLY A 18 20.74 -8.02 -3.63
C GLY A 18 20.23 -6.80 -2.90
N ILE A 19 19.15 -6.22 -3.42
CA ILE A 19 18.46 -5.12 -2.76
C ILE A 19 17.90 -5.64 -1.45
N GLY A 20 17.20 -6.77 -1.51
CA GLY A 20 16.69 -7.41 -0.31
C GLY A 20 15.52 -6.69 0.33
N ILE A 21 14.97 -7.28 1.38
CA ILE A 21 13.93 -6.66 2.16
C ILE A 21 14.40 -5.31 2.69
N GLU A 22 15.65 -5.25 3.13
CA GLU A 22 16.14 -4.02 3.74
C GLU A 22 16.25 -2.90 2.72
N GLY A 23 16.53 -3.28 1.47
CA GLY A 23 16.52 -2.32 0.39
C GLY A 23 15.13 -1.76 0.14
N ALA A 24 14.13 -2.64 0.13
CA ALA A 24 12.75 -2.20 -0.03
C ALA A 24 12.31 -1.34 1.15
N LYS A 25 12.75 -1.73 2.34
CA LYS A 25 12.40 -1.02 3.56
C LYS A 25 12.88 0.42 3.51
N GLU A 26 14.08 0.62 2.95
CA GLU A 26 14.62 1.95 2.83
C GLU A 26 13.85 2.81 1.80
N VAL A 27 13.45 2.22 0.69
CA VAL A 27 12.73 3.01 -0.31
C VAL A 27 11.38 3.43 0.25
N GLU A 28 10.75 2.51 0.99
CA GLU A 28 9.47 2.77 1.63
C GLU A 28 9.60 3.92 2.61
N GLU A 29 10.64 3.92 3.42
CA GLU A 29 10.70 4.86 4.53
C GLU A 29 11.34 6.21 4.18
N LYS A 30 11.98 6.30 3.02
CA LYS A 30 12.70 7.52 2.60
C LYS A 30 12.22 8.08 1.28
N VAL A 31 11.72 7.22 0.39
CA VAL A 31 11.33 7.67 -0.94
C VAL A 31 9.80 7.69 -1.12
N ASP A 32 9.16 6.58 -0.75
CA ASP A 32 7.72 6.38 -0.97
C ASP A 32 6.91 7.57 -0.47
N ARG A 33 6.18 8.22 -1.37
CA ARG A 33 5.42 9.42 -1.03
C ARG A 33 4.13 9.07 -0.28
N GLN A 34 3.63 7.86 -0.47
CA GLN A 34 2.46 7.43 0.31
C GLN A 34 2.84 7.19 1.78
N PHE A 35 4.01 6.60 2.03
CA PHE A 35 4.48 6.39 3.40
C PHE A 35 4.64 7.74 4.10
N TYR A 36 5.20 8.72 3.39
CA TYR A 36 5.39 10.06 3.94
C TYR A 36 4.00 10.67 4.21
N ALA A 37 3.08 10.60 3.27
CA ALA A 37 1.70 11.06 3.55
C ALA A 37 1.19 10.47 4.86
N LEU A 38 1.38 9.16 5.06
CA LEU A 38 0.94 8.50 6.31
C LEU A 38 1.64 8.99 7.60
N GLN A 39 2.95 9.26 7.54
CA GLN A 39 3.64 9.83 8.71
C GLN A 39 3.02 11.18 9.06
N TYR A 40 2.71 11.97 8.04
CA TYR A 40 2.08 13.27 8.23
C TYR A 40 0.77 13.11 9.01
N LEU A 41 -0.13 12.29 8.51
CA LEU A 41 -1.44 12.11 9.13
C LEU A 41 -1.30 11.60 10.57
N PHE A 42 -0.43 10.61 10.76
CA PHE A 42 -0.29 9.95 12.04
C PHE A 42 -0.14 10.92 13.21
N ARG A 43 0.74 11.88 13.06
CA ARG A 43 1.02 12.83 14.12
C ARG A 43 -0.14 13.83 14.33
N HIS A 44 -1.16 13.74 13.51
CA HIS A 44 -2.32 14.61 13.67
C HIS A 44 -3.62 13.83 13.77
N GLN A 45 -3.54 12.63 14.32
CA GLN A 45 -4.68 11.74 14.44
C GLN A 45 -4.53 10.81 15.61
N ASP A 46 -5.65 10.29 16.10
CA ASP A 46 -5.60 9.23 17.10
C ASP A 46 -5.08 7.97 16.41
N PRO A 47 -4.15 7.23 17.05
CA PRO A 47 -3.50 6.06 16.44
C PRO A 47 -4.47 5.01 15.90
N GLU A 48 -5.53 4.74 16.67
CA GLU A 48 -6.49 3.70 16.29
C GLU A 48 -7.25 4.12 15.03
N MET A 49 -7.83 5.31 15.08
CA MET A 49 -8.51 5.91 13.96
C MET A 49 -7.58 6.07 12.74
N PHE A 50 -6.32 6.42 12.98
CA PHE A 50 -5.34 6.58 11.89
C PHE A 50 -5.22 5.30 11.06
N ILE A 51 -5.03 4.17 11.75
CA ILE A 51 -4.90 2.90 11.09
C ILE A 51 -6.19 2.53 10.36
N LYS A 52 -7.31 2.73 11.03
CA LYS A 52 -8.61 2.37 10.44
C LYS A 52 -8.93 3.19 9.19
N LEU A 53 -8.59 4.48 9.24
CA LEU A 53 -8.73 5.38 8.11
C LEU A 53 -7.87 4.97 6.92
N VAL A 54 -6.65 4.49 7.18
CA VAL A 54 -5.75 4.04 6.10
C VAL A 54 -6.37 2.80 5.46
N ILE A 55 -6.95 1.94 6.28
CA ILE A 55 -7.58 0.74 5.76
C ILE A 55 -8.80 1.11 4.92
N ALA A 56 -9.63 2.03 5.41
CA ALA A 56 -10.79 2.45 4.64
C ALA A 56 -10.36 3.17 3.36
N ASN A 57 -9.39 4.06 3.46
CA ASN A 57 -8.90 4.78 2.28
C ASN A 57 -8.37 3.85 1.19
N SER A 58 -7.60 2.85 1.58
CA SER A 58 -7.05 1.91 0.62
C SER A 58 -8.13 1.22 -0.21
N LEU A 59 -9.19 0.80 0.45
CA LEU A 59 -10.24 0.02 -0.18
C LEU A 59 -11.01 0.83 -1.23
N VAL A 60 -10.88 2.15 -1.21
CA VAL A 60 -11.54 2.96 -2.25
C VAL A 60 -10.53 3.67 -3.15
N SER A 61 -9.27 3.25 -3.08
CA SER A 61 -8.23 3.86 -3.90
C SER A 61 -8.11 3.13 -5.21
N TYR A 62 -9.17 3.16 -6.00
CA TYR A 62 -9.16 2.61 -7.34
C TYR A 62 -10.00 3.51 -8.22
N GLN A 63 -9.76 3.48 -9.53
CA GLN A 63 -10.33 4.42 -10.50
C GLN A 63 -10.33 5.86 -9.95
N LEU A 64 -9.14 6.39 -9.68
CA LEU A 64 -8.98 7.71 -9.08
C LEU A 64 -9.16 8.80 -10.11
N THR A 65 -9.64 9.96 -9.69
CA THR A 65 -9.68 11.13 -10.57
C THR A 65 -8.48 12.05 -10.33
N GLY A 66 -7.34 11.44 -10.01
CA GLY A 66 -6.09 12.17 -9.81
C GLY A 66 -4.91 11.21 -9.67
N ARG A 67 -3.71 11.76 -9.47
CA ARG A 67 -2.51 10.95 -9.22
C ARG A 67 -2.56 10.28 -7.85
N GLY A 68 -2.13 9.03 -7.78
CA GLY A 68 -2.12 8.29 -6.53
C GLY A 68 -1.46 9.07 -5.41
N GLU A 69 -0.31 9.65 -5.69
CA GLU A 69 0.43 10.34 -4.65
C GLU A 69 -0.32 11.60 -4.19
N ASP A 70 -1.03 12.25 -5.11
CA ASP A 70 -1.81 13.43 -4.72
C ASP A 70 -3.02 13.03 -3.88
N TRP A 71 -3.61 11.90 -4.24
CA TRP A 71 -4.77 11.38 -3.52
C TRP A 71 -4.40 11.12 -2.07
N TRP A 72 -3.27 10.47 -1.84
CA TRP A 72 -2.91 10.13 -0.47
C TRP A 72 -2.47 11.36 0.36
N TRP A 73 -1.95 12.40 -0.29
CA TRP A 73 -1.68 13.63 0.45
C TRP A 73 -2.96 14.37 0.76
N GLU A 74 -3.89 14.38 -0.19
CA GLU A 74 -5.21 14.99 0.01
C GLU A 74 -5.90 14.33 1.21
N PHE A 75 -5.93 13.00 1.19
CA PHE A 75 -6.38 12.20 2.33
C PHE A 75 -5.65 12.62 3.60
N ALA A 76 -4.32 12.71 3.54
CA ALA A 76 -3.54 12.99 4.75
C ALA A 76 -3.93 14.34 5.36
N ARG A 77 -4.02 15.36 4.50
CA ARG A 77 -4.32 16.69 4.98
C ARG A 77 -5.78 16.83 5.41
N TYR A 78 -6.68 16.16 4.71
CA TYR A 78 -8.09 16.25 5.09
C TYR A 78 -8.34 15.75 6.51
N PHE A 79 -7.75 14.60 6.86
CA PHE A 79 -8.03 13.99 8.16
C PHE A 79 -7.08 14.42 9.27
N SER A 80 -6.01 15.11 8.90
CA SER A 80 -5.18 15.77 9.91
C SER A 80 -6.02 16.79 10.67
N GLY A 81 -6.08 16.65 11.99
CA GLY A 81 -6.86 17.58 12.80
C GLY A 81 -8.35 17.25 12.93
N ARG A 82 -8.83 16.26 12.20
CA ARG A 82 -10.26 16.00 12.13
C ARG A 82 -10.67 14.89 13.09
N GLU A 83 -11.49 15.22 14.08
CA GLU A 83 -12.07 14.19 14.93
C GLU A 83 -13.08 13.41 14.13
N VAL A 84 -12.91 12.11 14.05
CA VAL A 84 -13.83 11.30 13.27
C VAL A 84 -14.71 10.43 14.16
N ASP A 85 -16.02 10.58 14.00
CA ASP A 85 -16.98 9.73 14.70
C ASP A 85 -17.28 8.50 13.83
N SER A 86 -17.82 8.75 12.65
CA SER A 86 -18.14 7.69 11.72
C SER A 86 -17.31 7.84 10.45
N ILE A 87 -16.45 6.85 10.19
CA ILE A 87 -15.61 6.79 9.00
C ILE A 87 -16.46 6.84 7.74
N TRP A 88 -17.55 6.10 7.75
CA TRP A 88 -18.50 6.10 6.65
C TRP A 88 -19.04 7.52 6.41
N LYS A 89 -19.41 8.21 7.48
CA LYS A 89 -19.93 9.56 7.34
C LYS A 89 -18.83 10.52 6.91
N ALA A 90 -17.66 10.38 7.52
CA ALA A 90 -16.51 11.18 7.13
C ALA A 90 -16.26 11.10 5.63
N TYR A 91 -16.38 9.89 5.08
CA TYR A 91 -16.15 9.70 3.63
C TYR A 91 -17.32 10.19 2.76
N GLY A 92 -18.53 10.16 3.31
CA GLY A 92 -19.70 10.70 2.62
C GLY A 92 -19.51 12.18 2.35
N GLU A 93 -18.93 12.87 3.32
CA GLU A 93 -18.57 14.26 3.15
C GLU A 93 -17.31 14.39 2.28
N PHE A 94 -16.31 13.55 2.56
CA PHE A 94 -15.01 13.64 1.91
C PHE A 94 -15.01 13.38 0.39
N LEU A 95 -15.39 12.17 -0.05
CA LEU A 95 -15.24 11.81 -1.46
C LEU A 95 -15.94 12.75 -2.46
N PRO A 96 -17.21 13.18 -2.18
CA PRO A 96 -17.84 14.07 -3.16
C PRO A 96 -17.13 15.41 -3.31
N LYS A 97 -16.49 15.89 -2.22
CA LYS A 97 -15.74 17.14 -2.22
C LYS A 97 -14.33 17.00 -2.80
N SER A 98 -13.87 15.76 -2.97
CA SER A 98 -12.45 15.52 -3.21
C SER A 98 -12.05 15.90 -4.61
N LYS A 99 -10.76 16.17 -4.74
CA LYS A 99 -10.16 16.43 -6.02
C LYS A 99 -9.84 15.09 -6.68
N ASN A 100 -9.15 14.22 -5.97
CA ASN A 100 -8.52 13.08 -6.63
C ASN A 100 -9.27 11.74 -6.55
N ASN A 101 -10.43 11.72 -5.91
CA ASN A 101 -11.21 10.50 -5.89
C ASN A 101 -12.69 10.79 -6.00
N ARG A 102 -13.09 11.36 -7.13
CA ARG A 102 -14.46 11.80 -7.28
C ARG A 102 -15.18 11.00 -8.35
N ARG A 103 -15.26 9.68 -8.16
CA ARG A 103 -15.77 8.79 -9.18
C ARG A 103 -16.17 7.47 -8.55
N LEU A 104 -17.28 6.90 -9.01
CA LEU A 104 -17.85 5.67 -8.44
C LEU A 104 -18.09 5.84 -6.94
N ILE A 105 -18.64 6.98 -6.58
CA ILE A 105 -18.79 7.33 -5.20
C ILE A 105 -19.80 6.44 -4.48
N GLU A 106 -20.87 6.06 -5.17
CA GLU A 106 -21.86 5.16 -4.58
C GLU A 106 -21.22 3.83 -4.14
N ALA A 107 -20.48 3.20 -5.04
CA ALA A 107 -19.81 1.92 -4.75
C ALA A 107 -18.77 2.05 -3.65
N LYS A 108 -18.01 3.13 -3.67
CA LYS A 108 -16.94 3.31 -2.70
C LYS A 108 -17.49 3.55 -1.28
N LEU A 109 -18.48 4.43 -1.14
CA LEU A 109 -19.14 4.61 0.16
C LEU A 109 -19.73 3.29 0.67
N ASN A 110 -20.32 2.50 -0.22
CA ASN A 110 -20.84 1.23 0.24
C ASN A 110 -19.71 0.28 0.65
N ARG A 111 -18.58 0.36 -0.03
CA ARG A 111 -17.44 -0.40 0.45
C ARG A 111 -16.99 0.09 1.82
N ILE A 112 -17.03 1.40 2.04
CA ILE A 112 -16.63 1.92 3.34
C ILE A 112 -17.62 1.52 4.42
N ARG A 113 -18.92 1.65 4.12
CA ARG A 113 -19.97 1.17 5.02
C ARG A 113 -19.72 -0.26 5.42
N LYS A 114 -19.30 -1.06 4.45
CA LYS A 114 -19.09 -2.47 4.69
C LYS A 114 -17.85 -2.78 5.55
N VAL A 115 -16.72 -2.13 5.30
CA VAL A 115 -15.52 -2.43 6.10
C VAL A 115 -15.65 -1.81 7.49
N GLU A 116 -16.44 -0.75 7.60
CA GLU A 116 -16.52 -0.02 8.85
C GLU A 116 -17.12 -0.87 9.98
N GLY A 117 -18.16 -1.64 9.66
CA GLY A 117 -18.72 -2.59 10.62
C GLY A 117 -17.61 -3.40 11.27
N PHE A 118 -16.68 -3.86 10.45
CA PHE A 118 -15.57 -4.69 10.88
C PHE A 118 -14.57 -3.88 11.73
N LEU A 119 -14.23 -2.69 11.25
CA LEU A 119 -13.24 -1.85 11.91
C LEU A 119 -13.76 -1.40 13.27
N SER A 120 -15.07 -1.20 13.34
CA SER A 120 -15.67 -0.63 14.53
C SER A 120 -15.58 -1.62 15.69
N THR A 121 -15.37 -2.90 15.38
CA THR A 121 -15.26 -3.90 16.43
C THR A 121 -13.84 -4.02 16.98
N LEU A 122 -12.87 -3.49 16.24
CA LEU A 122 -11.44 -3.72 16.57
C LEU A 122 -10.88 -2.68 17.54
N THR A 123 -9.99 -3.14 18.41
CA THR A 123 -9.21 -2.28 19.30
C THR A 123 -7.85 -2.03 18.68
N LEU A 124 -7.07 -1.15 19.30
CA LEU A 124 -5.72 -0.87 18.85
C LEU A 124 -4.90 -2.14 18.99
N LYS A 125 -5.17 -2.87 20.07
CA LYS A 125 -4.50 -4.13 20.32
C LYS A 125 -4.84 -5.17 19.25
N ASP A 126 -6.10 -5.22 18.82
CA ASP A 126 -6.50 -6.12 17.74
C ASP A 126 -5.74 -5.81 16.46
N LEU A 127 -5.68 -4.51 16.13
CA LEU A 127 -4.97 -4.03 14.95
C LEU A 127 -3.52 -4.46 15.00
N GLU A 128 -2.94 -4.36 16.19
CA GLU A 128 -1.55 -4.77 16.38
C GLU A 128 -1.38 -6.29 16.22
N GLY A 129 -2.36 -7.06 16.68
CA GLY A 129 -2.29 -8.51 16.46
C GLY A 129 -2.34 -8.86 14.99
N TYR A 130 -3.19 -8.13 14.25
CA TYR A 130 -3.30 -8.28 12.79
C TYR A 130 -1.99 -7.91 12.10
N TYR A 131 -1.29 -6.91 12.62
CA TYR A 131 0.02 -6.55 12.09
C TYR A 131 1.03 -7.65 12.31
N LYS A 132 0.97 -8.34 13.44
CA LYS A 132 1.83 -9.52 13.65
C LYS A 132 1.37 -10.70 12.79
N ASN A 133 0.13 -10.62 12.32
CA ASN A 133 -0.45 -11.69 11.52
C ASN A 133 -1.12 -11.19 10.24
N MET A 134 -0.30 -10.63 9.34
CA MET A 134 -0.85 -9.90 8.20
C MET A 134 -1.61 -10.83 7.25
N LYS A 135 -1.21 -12.09 7.16
CA LYS A 135 -1.97 -13.05 6.37
C LYS A 135 -3.40 -13.13 6.86
N MET A 136 -3.58 -13.03 8.18
CA MET A 136 -4.92 -13.08 8.76
C MET A 136 -5.73 -11.84 8.46
N LEU A 137 -5.08 -10.67 8.40
CA LEU A 137 -5.84 -9.47 8.02
C LEU A 137 -6.28 -9.63 6.59
N TRP A 138 -5.36 -10.11 5.76
CA TRP A 138 -5.57 -10.41 4.36
C TRP A 138 -6.82 -11.27 4.14
N LYS A 139 -6.86 -12.42 4.81
CA LYS A 139 -7.95 -13.35 4.66
C LYS A 139 -9.26 -12.78 5.24
N ALA A 140 -9.15 -12.01 6.32
CA ALA A 140 -10.33 -11.39 6.92
C ALA A 140 -10.99 -10.40 5.95
N LEU A 141 -10.18 -9.59 5.28
CA LEU A 141 -10.67 -8.60 4.34
C LEU A 141 -11.30 -9.24 3.10
N ILE A 142 -10.67 -10.30 2.63
CA ILE A 142 -11.23 -11.08 1.54
C ILE A 142 -12.66 -11.51 1.87
N LYS A 143 -12.93 -11.81 3.13
CA LYS A 143 -14.24 -12.33 3.51
C LYS A 143 -15.23 -11.21 3.84
N ILE A 144 -14.80 -10.16 4.52
CA ILE A 144 -15.75 -9.09 4.78
C ILE A 144 -16.07 -8.35 3.46
N MET A 145 -15.11 -8.25 2.55
CA MET A 145 -15.35 -7.49 1.31
C MET A 145 -15.90 -8.38 0.19
N GLY A 146 -15.72 -9.69 0.30
CA GLY A 146 -16.24 -10.58 -0.72
C GLY A 146 -15.41 -10.50 -1.98
N SER A 147 -14.10 -10.45 -1.81
CA SER A 147 -13.17 -10.21 -2.91
C SER A 147 -12.31 -11.43 -3.26
N ARG A 148 -11.69 -11.38 -4.44
CA ARG A 148 -10.67 -12.35 -4.84
C ARG A 148 -9.42 -12.19 -3.99
N GLU A 149 -8.70 -13.30 -3.79
CA GLU A 149 -7.47 -13.31 -2.98
C GLU A 149 -6.42 -12.38 -3.57
N ASP A 150 -6.42 -12.28 -4.89
CA ASP A 150 -5.42 -11.51 -5.60
C ASP A 150 -5.96 -10.16 -6.07
N SER A 151 -7.06 -9.70 -5.47
CA SER A 151 -7.61 -8.38 -5.79
C SER A 151 -6.55 -7.31 -5.53
N LYS A 152 -6.38 -6.39 -6.48
CA LYS A 152 -5.29 -5.42 -6.37
C LYS A 152 -5.59 -4.45 -5.24
N THR A 153 -6.87 -4.19 -5.03
CA THR A 153 -7.29 -3.30 -3.96
C THR A 153 -7.13 -3.93 -2.57
N ILE A 154 -7.40 -5.23 -2.49
CA ILE A 154 -7.24 -5.98 -1.25
C ILE A 154 -5.78 -6.04 -0.79
N VAL A 155 -4.85 -6.31 -1.72
CA VAL A 155 -3.46 -6.48 -1.29
C VAL A 155 -2.75 -5.13 -1.14
N PHE A 156 -3.25 -4.10 -1.81
CA PHE A 156 -2.79 -2.73 -1.56
C PHE A 156 -3.22 -2.28 -0.16
N THR A 157 -4.40 -2.70 0.26
CA THR A 157 -4.88 -2.41 1.61
C THR A 157 -4.01 -3.06 2.69
N VAL A 158 -3.58 -4.28 2.44
CA VAL A 158 -2.68 -4.94 3.36
C VAL A 158 -1.35 -4.18 3.38
N LYS A 159 -0.87 -3.79 2.21
CA LYS A 159 0.38 -3.03 2.13
C LYS A 159 0.31 -1.73 2.92
N MET A 160 -0.71 -0.93 2.67
CA MET A 160 -0.84 0.35 3.36
C MET A 160 -1.10 0.13 4.85
N PHE A 161 -1.77 -0.97 5.19
CA PHE A 161 -1.97 -1.32 6.59
C PHE A 161 -0.61 -1.54 7.22
N GLY A 162 0.28 -2.18 6.48
CA GLY A 162 1.63 -2.39 6.93
C GLY A 162 2.37 -1.09 7.21
N TYR A 163 2.27 -0.14 6.29
CA TYR A 163 2.86 1.20 6.50
C TYR A 163 2.34 1.86 7.76
N ALA A 164 1.01 1.89 7.88
CA ALA A 164 0.33 2.51 9.00
C ALA A 164 0.76 1.92 10.33
N SER A 165 0.79 0.58 10.38
CA SER A 165 1.18 -0.17 11.58
C SER A 165 2.68 -0.04 11.89
N ARG A 166 3.49 -0.01 10.84
CA ARG A 166 4.92 0.26 10.97
C ARG A 166 5.13 1.58 11.70
N ILE A 167 4.35 2.58 11.30
CA ILE A 167 4.46 3.92 11.85
C ILE A 167 3.93 3.96 13.29
N ALA A 168 2.76 3.38 13.49
CA ALA A 168 2.04 3.54 14.75
C ALA A 168 2.62 2.73 15.89
N PHE A 169 3.21 1.59 15.55
CA PHE A 169 3.71 0.68 16.56
C PHE A 169 5.23 0.71 16.61
N SER A 170 5.85 1.55 15.77
CA SER A 170 7.31 1.76 15.75
C SER A 170 8.09 0.44 15.60
N ARG A 171 7.72 -0.35 14.61
CA ARG A 171 8.18 -1.72 14.51
C ARG A 171 8.06 -2.23 13.08
N PHE A 172 9.18 -2.71 12.52
CA PHE A 172 9.17 -3.25 11.16
C PHE A 172 8.91 -4.75 11.12
N ILE A 173 7.83 -5.13 10.45
CA ILE A 173 7.52 -6.52 10.16
C ILE A 173 7.35 -6.65 8.64
N PRO A 174 8.21 -7.46 8.00
CA PRO A 174 8.13 -7.60 6.55
C PRO A 174 6.79 -8.20 6.10
N TYR A 175 6.39 -7.95 4.85
CA TYR A 175 5.15 -8.52 4.34
C TYR A 175 5.31 -10.01 4.11
N PRO A 176 4.23 -10.77 4.31
CA PRO A 176 4.30 -12.21 4.06
C PRO A 176 4.66 -12.48 2.62
N MET A 177 5.38 -13.57 2.39
CA MET A 177 5.77 -13.97 1.05
C MET A 177 4.54 -14.27 0.20
N GLU A 178 3.48 -14.74 0.87
CA GLU A 178 2.30 -15.27 0.19
C GLU A 178 1.39 -14.22 -0.47
N ILE A 179 1.45 -12.97 0.00
CA ILE A 179 0.57 -11.94 -0.52
C ILE A 179 1.07 -11.40 -1.87
N PRO A 180 0.25 -11.54 -2.93
CA PRO A 180 0.63 -11.13 -4.28
C PRO A 180 0.78 -9.63 -4.45
N ILE A 181 1.55 -9.23 -5.45
CA ILE A 181 1.73 -7.83 -5.80
C ILE A 181 0.38 -7.17 -6.19
N PRO A 182 0.20 -5.86 -5.88
CA PRO A 182 -1.01 -5.20 -6.40
C PRO A 182 -0.88 -4.97 -7.89
N GLU A 183 -1.71 -5.66 -8.64
CA GLU A 183 -1.68 -5.62 -10.10
C GLU A 183 -2.47 -4.44 -10.66
N ASP A 184 -1.95 -3.23 -10.49
CA ASP A 184 -2.55 -2.07 -11.15
C ASP A 184 -1.94 -1.89 -12.54
N LEU A 185 -2.27 -0.79 -13.21
CA LEU A 185 -1.87 -0.61 -14.60
C LEU A 185 -0.36 -0.48 -14.74
N ARG A 186 0.26 0.29 -13.86
CA ARG A 186 1.72 0.44 -13.85
C ARG A 186 2.43 -0.91 -13.74
N ILE A 187 1.96 -1.75 -12.83
CA ILE A 187 2.53 -3.08 -12.65
C ILE A 187 2.25 -3.94 -13.89
N LYS A 188 1.04 -3.85 -14.42
CA LYS A 188 0.73 -4.54 -15.67
C LYS A 188 1.71 -4.09 -16.75
N SER A 189 1.93 -2.78 -16.82
CA SER A 189 2.84 -2.19 -17.80
C SER A 189 4.24 -2.79 -17.75
N VAL A 190 4.91 -2.67 -16.61
CA VAL A 190 6.30 -3.12 -16.47
C VAL A 190 6.43 -4.62 -16.71
N THR A 191 5.40 -5.38 -16.37
CA THR A 191 5.45 -6.83 -16.54
C THR A 191 5.34 -7.18 -18.02
N SER A 192 4.77 -6.27 -18.81
CA SER A 192 4.61 -6.49 -20.24
C SER A 192 5.97 -6.79 -20.88
N LYS A 193 6.92 -5.89 -20.67
CA LYS A 193 8.21 -5.95 -21.32
C LYS A 193 9.12 -7.04 -20.75
N LEU A 194 8.58 -7.93 -19.92
CA LEU A 194 9.38 -9.00 -19.32
C LEU A 194 8.83 -10.40 -19.57
N THR A 195 7.51 -10.55 -19.48
CA THR A 195 6.90 -11.86 -19.63
C THR A 195 5.44 -11.74 -20.03
N GLN A 196 4.81 -12.88 -20.31
CA GLN A 196 3.41 -12.90 -20.70
C GLN A 196 2.53 -13.48 -19.59
N GLU A 197 3.16 -13.99 -18.54
CA GLU A 197 2.43 -14.58 -17.43
C GLU A 197 1.74 -13.47 -16.65
N LYS A 198 0.74 -13.82 -15.84
CA LYS A 198 0.05 -12.82 -15.02
C LYS A 198 1.03 -12.25 -14.02
N PRO A 199 0.98 -10.93 -13.79
CA PRO A 199 1.96 -10.31 -12.89
C PRO A 199 1.87 -10.87 -11.48
N THR A 200 0.65 -11.10 -11.00
CA THR A 200 0.44 -11.73 -9.71
C THR A 200 1.22 -13.04 -9.64
N LYS A 201 1.11 -13.88 -10.67
CA LYS A 201 1.84 -15.16 -10.68
C LYS A 201 3.36 -14.95 -10.84
N PHE A 202 3.76 -14.07 -11.75
CA PHE A 202 5.17 -13.86 -12.05
C PHE A 202 5.98 -13.35 -10.88
N TRP A 203 5.49 -12.30 -10.23
CA TRP A 203 6.22 -11.69 -9.12
C TRP A 203 6.18 -12.55 -7.86
N MET A 204 5.28 -13.51 -7.82
CA MET A 204 5.33 -14.48 -6.74
C MET A 204 6.59 -15.33 -6.91
N LYS A 205 6.84 -15.75 -8.15
CA LYS A 205 8.00 -16.57 -8.49
C LYS A 205 9.29 -15.81 -8.19
N ILE A 206 9.38 -14.60 -8.73
CA ILE A 206 10.51 -13.70 -8.49
C ILE A 206 10.71 -13.48 -7.00
N GLY A 207 9.59 -13.34 -6.29
CA GLY A 207 9.61 -13.19 -4.85
C GLY A 207 10.14 -14.41 -4.10
N GLN A 208 9.71 -15.60 -4.54
CA GLN A 208 10.12 -16.83 -3.86
C GLN A 208 11.62 -17.04 -3.96
N GLU A 209 12.18 -16.80 -5.16
CA GLU A 209 13.59 -17.02 -5.42
C GLU A 209 14.51 -15.96 -4.83
N SER A 210 14.08 -14.70 -4.86
CA SER A 210 14.92 -13.61 -4.39
C SER A 210 14.86 -13.45 -2.87
N GLY A 211 13.89 -14.07 -2.23
CA GLY A 211 13.67 -13.87 -0.81
C GLY A 211 12.94 -12.57 -0.48
N VAL A 212 12.51 -11.84 -1.49
CA VAL A 212 11.80 -10.58 -1.25
C VAL A 212 10.29 -10.72 -1.52
N PRO A 213 9.46 -10.61 -0.46
CA PRO A 213 8.00 -10.64 -0.63
C PRO A 213 7.49 -9.64 -1.67
N PRO A 214 6.53 -10.08 -2.47
CA PRO A 214 6.07 -9.29 -3.62
C PRO A 214 5.49 -7.92 -3.24
N LEU A 215 5.01 -7.74 -2.01
CA LEU A 215 4.57 -6.41 -1.61
C LEU A 215 5.77 -5.50 -1.39
N HIS A 216 6.93 -6.08 -1.10
CA HIS A 216 8.15 -5.29 -1.00
C HIS A 216 8.70 -5.04 -2.39
N ILE A 217 8.60 -6.03 -3.28
CA ILE A 217 9.05 -5.85 -4.66
C ILE A 217 8.34 -4.67 -5.28
N ASP A 218 7.04 -4.58 -4.97
CA ASP A 218 6.21 -3.50 -5.47
C ASP A 218 6.79 -2.12 -5.12
N SER A 219 7.36 -2.01 -3.93
CA SER A 219 7.99 -0.76 -3.52
C SER A 219 9.20 -0.44 -4.38
N LEU A 220 9.80 -1.46 -5.01
CA LEU A 220 10.96 -1.26 -5.87
C LEU A 220 10.60 -0.85 -7.30
N ILE A 221 9.52 -1.41 -7.84
CA ILE A 221 9.12 -1.13 -9.22
C ILE A 221 8.46 0.23 -9.42
N TRP A 222 7.48 0.53 -8.57
CA TRP A 222 6.70 1.74 -8.72
C TRP A 222 7.42 3.10 -8.70
N PRO A 223 8.50 3.25 -7.92
CA PRO A 223 9.29 4.47 -8.02
C PRO A 223 10.08 4.60 -9.34
N LEU A 224 10.80 3.55 -9.73
CA LEU A 224 11.61 3.55 -10.96
C LEU A 224 10.72 3.77 -12.16
N LEU A 225 10.00 4.89 -12.15
CA LEU A 225 8.78 5.02 -12.93
C LEU A 225 8.14 6.34 -12.51
N GLY A 226 8.77 7.43 -12.95
CA GLY A 226 8.42 8.76 -12.49
C GLY A 226 9.69 9.51 -12.12
N ASN A 227 10.83 8.92 -12.47
CA ASN A 227 12.16 9.49 -12.25
C ASN A 227 12.31 10.13 -10.88
N ALA A 228 11.80 9.45 -9.85
CA ALA A 228 11.62 10.06 -8.54
C ALA A 228 12.94 10.35 -7.82
N ASP A 229 12.79 10.83 -6.58
CA ASP A 229 13.91 11.02 -5.67
C ASP A 229 14.63 9.70 -5.43
N LEU A 230 15.94 9.77 -5.21
CA LEU A 230 16.74 8.62 -4.78
C LEU A 230 17.75 9.02 -3.71
N THR A 231 17.75 10.28 -3.33
CA THR A 231 18.92 10.88 -2.70
C THR A 231 19.07 10.75 -1.17
N PRO A 232 17.97 10.48 -0.43
CA PRO A 232 18.29 10.18 0.97
C PRO A 232 18.76 8.74 1.15
N LEU A 233 18.85 8.00 0.04
CA LEU A 233 19.31 6.61 0.05
C LEU A 233 20.83 6.51 0.06
N ASP A 234 21.32 5.28 0.25
CA ASP A 234 22.75 4.99 0.18
C ASP A 234 23.15 4.74 -1.26
N ILE A 235 24.34 5.23 -1.64
CA ILE A 235 24.84 5.13 -2.99
C ILE A 235 24.74 3.71 -3.56
N GLU A 236 25.12 2.71 -2.76
CA GLU A 236 25.08 1.34 -3.24
C GLU A 236 23.64 0.92 -3.57
N LEU A 237 22.70 1.25 -2.68
CA LEU A 237 21.29 0.99 -2.96
C LEU A 237 20.88 1.68 -4.25
N ARG A 238 21.27 2.95 -4.39
CA ARG A 238 20.93 3.70 -5.59
C ARG A 238 21.46 3.03 -6.86
N ASN A 239 22.70 2.55 -6.84
CA ASN A 239 23.24 1.90 -8.04
C ASN A 239 22.52 0.60 -8.33
N LYS A 240 22.19 -0.14 -7.28
CA LYS A 240 21.32 -1.32 -7.42
C LYS A 240 19.99 -0.91 -8.03
N LEU A 241 19.43 0.19 -7.55
CA LEU A 241 18.16 0.67 -8.09
C LEU A 241 18.33 1.12 -9.54
N MET A 242 19.49 1.67 -9.86
CA MET A 242 19.78 2.10 -11.22
C MET A 242 19.88 0.90 -12.14
N LYS A 243 20.47 -0.19 -11.64
CA LYS A 243 20.63 -1.40 -12.44
C LYS A 243 19.29 -2.05 -12.78
N LEU A 244 18.37 -2.03 -11.81
CA LEU A 244 17.05 -2.62 -11.97
C LEU A 244 16.22 -1.87 -13.01
N THR A 245 16.37 -0.54 -13.02
CA THR A 245 15.67 0.32 -13.98
C THR A 245 16.14 0.02 -15.39
N GLU A 246 17.37 -0.48 -15.51
CA GLU A 246 17.88 -0.93 -16.79
C GLU A 246 17.15 -2.18 -17.23
N LEU A 247 17.14 -3.18 -16.35
CA LEU A 247 16.56 -4.48 -16.66
C LEU A 247 15.07 -4.38 -16.97
N LEU A 248 14.39 -3.44 -16.33
CA LEU A 248 12.95 -3.27 -16.60
C LEU A 248 12.76 -2.62 -17.96
N GLY A 249 13.60 -1.64 -18.28
CA GLY A 249 13.49 -0.94 -19.55
C GLY A 249 13.04 0.50 -19.37
CL CL B . -3.36 4.72 -4.71
CL CL C . -1.24 7.03 -10.03
CL CL D . -3.97 17.49 -6.56
CL CL E . -4.72 20.71 -10.35
CL CL F . 17.55 -7.63 3.07
CL CL G . 7.03 7.54 11.96
CL CL H . -20.67 3.91 -8.24
CL CL I . -19.63 9.19 -8.66
CL CL J . -6.39 -1.36 22.59
N1 IMD K . -14.65 -10.01 12.49
C2 IMD K . -14.03 -9.14 13.32
N3 IMD K . -14.90 -8.14 13.63
C4 IMD K . -16.08 -8.38 13.00
C5 IMD K . -15.92 -9.55 12.28
#